data_8JZR
#
_entry.id   8JZR
#
loop_
_entity.id
_entity.type
_entity.pdbx_description
1 polymer 'SLC15A4-ALFA tag-SLC15A4-twin-strep tag fusion protein'
2 non-polymer 2-acetamido-2-deoxy-beta-D-glucopyranose
#
_entity_poly.entity_id   1
_entity_poly.type   'polypeptide(L)'
_entity_poly.pdbx_seq_one_letter_code
;MEGSGGGAGERAPLLGARRAAAAAAAAGAFAGRRAACGAVLLTELLERAAFYGITSNLVLFLNGAPFCWEGAQASEALLL
FMGLTYLGSPFGGWLADARLGRARAILLSLALYLLGMLAFPLLAAPATRAALCGSARLLNCTAPGPDAAARCCSPATFAG
LVLVGLGVATVKANITPFGADQVKDRGPEATRRFFNWFYWSINLGAILSLGGIAYIQQNVSFVTGYAIPTVCVGLAFVVF
LCGQSVFITKPPSRLEEELRRRLTEGGPFTEEKVEDVKALVKIVPVFLALIPYWTVYFQMQTTYVLQSLHLRIPEISNIT
TTPHTLPAAWLTMFDAVLILLLIPLKDKLVDPILRRHGLLPSSLKRIAVGMFFVMCSAFAAGILESKRLNLVKEKTINQT
IGNVVYHAADLSLWWQVPQYLLIGISEIFASIAGLEFAYSAAPKSMQSAIMGLFFFFSGVGSFVGSGLLALVSIKAIGWM
SSHTDFGNINGCYLNYYFFLLAAIQGATLLLFLIISVKYDHHRDHQRSRANGVPTSRRAGSLEVLFQGPGGGSGGGSWSH
PQFEKGGGSGGGSWSHPQFEK
;
_entity_poly.pdbx_strand_id   B
#
loop_
_chem_comp.id
_chem_comp.type
_chem_comp.name
_chem_comp.formula
NAG D-saccharide, beta linking 2-acetamido-2-deoxy-beta-D-glucopyranose 'C8 H15 N O6'
#
# COMPACT_ATOMS: atom_id res chain seq x y z
N ARG A 18 -37.62 -2.73 9.31
CA ARG A 18 -37.53 -4.09 9.83
C ARG A 18 -36.09 -4.45 10.09
N ARG A 19 -35.64 -5.51 9.44
CA ARG A 19 -34.25 -5.89 9.58
C ARG A 19 -33.35 -4.79 9.04
N ALA A 20 -33.76 -4.17 7.94
CA ALA A 20 -32.96 -3.14 7.34
C ALA A 20 -32.88 -2.03 8.30
N ALA A 21 -33.98 -1.74 8.93
CA ALA A 21 -34.00 -0.61 9.84
C ALA A 21 -33.03 -0.88 10.93
N ALA A 22 -33.05 -2.10 11.42
CA ALA A 22 -32.12 -2.46 12.47
C ALA A 22 -30.66 -2.30 12.07
N ALA A 23 -30.33 -2.75 10.87
CA ALA A 23 -28.95 -2.60 10.41
C ALA A 23 -28.55 -1.17 10.21
N ALA A 24 -29.45 -0.34 9.72
CA ALA A 24 -29.10 1.07 9.60
C ALA A 24 -28.89 1.68 10.94
N ALA A 25 -29.67 1.26 11.92
CA ALA A 25 -29.46 1.74 13.25
C ALA A 25 -28.10 1.33 13.76
N ALA A 26 -27.67 0.11 13.45
CA ALA A 26 -26.30 -0.31 13.84
C ALA A 26 -25.28 0.53 13.18
N ALA A 27 -25.47 0.84 11.91
CA ALA A 27 -24.55 1.73 11.27
C ALA A 27 -24.38 2.90 12.16
N GLY A 28 -25.41 3.33 12.90
CA GLY A 28 -25.15 4.39 13.91
C GLY A 28 -24.03 4.07 14.96
N ALA A 29 -22.87 3.51 14.61
CA ALA A 29 -21.77 2.97 15.42
C ALA A 29 -20.77 3.97 15.89
N PHE A 30 -19.70 3.47 16.46
CA PHE A 30 -18.72 4.34 17.08
C PHE A 30 -19.42 4.74 18.32
N ALA A 31 -20.16 5.82 18.35
CA ALA A 31 -20.97 6.10 19.52
C ALA A 31 -20.20 6.13 20.75
N GLY A 32 -20.31 5.13 21.57
CA GLY A 32 -19.56 5.26 22.79
C GLY A 32 -18.06 5.30 22.63
N ARG A 33 -17.53 4.43 21.78
CA ARG A 33 -16.13 4.32 21.60
C ARG A 33 -15.69 5.22 20.52
N ARG A 34 -15.34 6.43 20.86
CA ARG A 34 -14.87 7.35 19.88
C ARG A 34 -13.45 7.63 20.19
N ALA A 35 -13.02 7.41 21.39
CA ALA A 35 -11.65 7.53 21.75
C ALA A 35 -10.85 6.37 21.42
N ALA A 36 -11.39 5.21 21.66
CA ALA A 36 -10.62 4.03 21.46
C ALA A 36 -10.31 3.90 20.05
N CYS A 37 -11.21 4.25 19.17
CA CYS A 37 -10.91 4.25 17.76
C CYS A 37 -9.95 5.37 17.28
N GLY A 38 -10.22 6.63 17.44
CA GLY A 38 -9.35 7.69 16.97
C GLY A 38 -7.90 7.45 17.31
N ALA A 39 -7.64 6.84 18.47
CA ALA A 39 -6.28 6.45 18.83
C ALA A 39 -5.66 5.47 17.85
N VAL A 40 -6.39 4.41 17.48
CA VAL A 40 -5.90 3.46 16.49
C VAL A 40 -5.74 4.13 15.13
N LEU A 41 -6.71 4.97 14.75
CA LEU A 41 -6.61 5.66 13.47
C LEU A 41 -5.39 6.55 13.41
N LEU A 42 -5.13 7.32 14.48
CA LEU A 42 -3.97 8.20 14.51
C LEU A 42 -2.67 7.39 14.50
N THR A 43 -2.63 6.29 15.25
CA THR A 43 -1.43 5.46 15.26
C THR A 43 -1.13 4.92 13.88
N GLU A 44 -2.16 4.42 13.17
CA GLU A 44 -1.94 3.90 11.83
C GLU A 44 -1.55 5.00 10.86
N LEU A 45 -2.14 6.19 11.02
CA LEU A 45 -1.76 7.33 10.19
C LEU A 45 -0.27 7.62 10.32
N LEU A 46 0.21 7.71 11.56
CA LEU A 46 1.62 8.03 11.79
C LEU A 46 2.53 6.90 11.30
N GLU A 47 2.15 5.64 11.53
CA GLU A 47 2.95 4.52 11.06
C GLU A 47 3.05 4.52 9.54
N ARG A 48 1.94 4.76 8.85
CA ARG A 48 1.99 4.80 7.38
C ARG A 48 2.79 5.98 6.90
N ALA A 49 2.71 7.12 7.58
CA ALA A 49 3.53 8.26 7.20
C ALA A 49 5.01 7.92 7.29
N ALA A 50 5.42 7.26 8.37
CA ALA A 50 6.83 6.87 8.49
C ALA A 50 7.23 5.85 7.43
N PHE A 51 6.37 4.87 7.17
CA PHE A 51 6.70 3.85 6.17
C PHE A 51 6.87 4.46 4.80
N TYR A 52 5.97 5.38 4.41
CA TYR A 52 6.08 6.01 3.11
C TYR A 52 7.22 7.01 3.06
N GLY A 53 7.61 7.57 4.20
CA GLY A 53 8.81 8.39 4.24
C GLY A 53 10.06 7.60 3.94
N ILE A 54 10.15 6.38 4.50
CA ILE A 54 11.29 5.51 4.19
C ILE A 54 11.24 5.05 2.74
N THR A 55 10.08 4.56 2.29
CA THR A 55 10.03 3.86 1.00
C THR A 55 10.20 4.82 -0.17
N SER A 56 9.73 6.06 -0.03
CA SER A 56 9.64 6.95 -1.19
C SER A 56 11.01 7.26 -1.78
N ASN A 57 12.00 7.58 -0.94
CA ASN A 57 13.29 8.05 -1.41
C ASN A 57 14.45 7.21 -0.91
N LEU A 58 14.25 5.92 -0.70
CA LEU A 58 15.34 5.05 -0.24
C LEU A 58 16.43 4.95 -1.29
N VAL A 59 16.05 4.79 -2.57
CA VAL A 59 17.04 4.60 -3.63
C VAL A 59 17.88 5.86 -3.81
N LEU A 60 17.23 7.03 -3.78
CA LEU A 60 17.98 8.28 -3.92
C LEU A 60 18.96 8.47 -2.76
N PHE A 61 18.53 8.12 -1.55
CA PHE A 61 19.43 8.20 -0.40
C PHE A 61 20.62 7.26 -0.58
N LEU A 62 20.34 6.02 -0.97
CA LEU A 62 21.41 5.02 -1.07
C LEU A 62 22.35 5.33 -2.22
N ASN A 63 21.83 5.86 -3.32
CA ASN A 63 22.66 6.28 -4.45
C ASN A 63 22.82 7.79 -4.43
N GLY A 64 23.76 8.24 -3.61
CA GLY A 64 23.98 9.66 -3.41
C GLY A 64 25.35 9.96 -2.85
N ALA A 65 25.42 11.01 -2.01
CA ALA A 65 26.70 11.42 -1.47
C ALA A 65 27.17 10.53 -0.31
N PRO A 66 26.39 10.31 0.76
CA PRO A 66 26.91 9.47 1.85
C PRO A 66 27.21 8.05 1.42
N PHE A 67 26.40 7.49 0.51
CA PHE A 67 26.52 6.11 0.10
C PHE A 67 26.74 6.06 -1.41
N CYS A 68 27.74 5.29 -1.84
CA CYS A 68 28.08 5.17 -3.25
C CYS A 68 27.57 3.85 -3.83
N TRP A 69 26.41 3.40 -3.37
CA TRP A 69 25.85 2.15 -3.86
C TRP A 69 25.41 2.29 -5.31
N GLU A 70 25.57 1.21 -6.06
CA GLU A 70 25.07 1.17 -7.43
C GLU A 70 23.55 1.11 -7.44
N GLY A 71 22.98 1.44 -8.60
CA GLY A 71 21.53 1.41 -8.74
C GLY A 71 20.95 0.02 -8.51
N ALA A 72 21.62 -1.01 -9.03
CA ALA A 72 21.16 -2.38 -8.82
C ALA A 72 21.22 -2.75 -7.34
N GLN A 73 22.28 -2.34 -6.65
CA GLN A 73 22.40 -2.65 -5.23
C GLN A 73 21.29 -1.98 -4.44
N ALA A 74 21.00 -0.71 -4.72
CA ALA A 74 19.93 -0.01 -4.02
C ALA A 74 18.57 -0.63 -4.31
N SER A 75 18.33 -1.01 -5.57
CA SER A 75 17.06 -1.66 -5.90
C SER A 75 16.92 -3.00 -5.19
N GLU A 76 18.00 -3.79 -5.12
CA GLU A 76 17.95 -5.05 -4.40
C GLU A 76 17.71 -4.82 -2.91
N ALA A 77 18.35 -3.79 -2.34
CA ALA A 77 18.14 -3.49 -0.93
C ALA A 77 16.68 -3.12 -0.65
N LEU A 78 16.10 -2.29 -1.50
CA LEU A 78 14.69 -1.93 -1.31
C LEU A 78 13.79 -3.14 -1.50
N LEU A 79 14.11 -3.99 -2.48
CA LEU A 79 13.31 -5.20 -2.70
C LEU A 79 13.36 -6.12 -1.49
N LEU A 80 14.54 -6.30 -0.90
CA LEU A 80 14.66 -7.12 0.30
C LEU A 80 13.91 -6.50 1.47
N PHE A 81 13.98 -5.17 1.61
CA PHE A 81 13.24 -4.50 2.68
C PHE A 81 11.75 -4.71 2.53
N MET A 82 11.22 -4.56 1.32
CA MET A 82 9.80 -4.79 1.10
C MET A 82 9.43 -6.25 1.31
N GLY A 83 10.27 -7.17 0.86
CA GLY A 83 9.97 -8.58 1.04
C GLY A 83 9.96 -9.00 2.49
N LEU A 84 10.81 -8.37 3.31
CA LEU A 84 10.82 -8.68 4.74
C LEU A 84 9.50 -8.28 5.39
N THR A 85 8.93 -7.14 5.01
CA THR A 85 7.67 -6.68 5.57
C THR A 85 6.51 -7.60 5.26
N TYR A 86 6.61 -8.42 4.21
CA TYR A 86 5.60 -9.41 3.88
C TYR A 86 5.92 -10.76 4.50
N LEU A 87 7.20 -11.13 4.57
CA LEU A 87 7.55 -12.43 5.12
C LEU A 87 7.38 -12.47 6.64
N GLY A 88 7.59 -11.34 7.31
CA GLY A 88 7.49 -11.32 8.76
C GLY A 88 6.06 -11.26 9.28
N SER A 89 5.09 -11.04 8.40
CA SER A 89 3.71 -10.92 8.86
C SER A 89 3.17 -12.18 9.50
N PRO A 90 3.27 -13.39 8.89
CA PRO A 90 2.74 -14.57 9.58
C PRO A 90 3.39 -14.84 10.92
N PHE A 91 4.69 -14.59 11.04
CA PHE A 91 5.37 -14.81 12.31
C PHE A 91 5.07 -13.70 13.31
N GLY A 92 4.88 -12.48 12.83
CA GLY A 92 4.46 -11.41 13.72
C GLY A 92 3.08 -11.64 14.30
N GLY A 93 2.16 -12.16 13.47
CA GLY A 93 0.83 -12.48 13.97
C GLY A 93 0.83 -13.60 14.98
N TRP A 94 1.63 -14.65 14.73
CA TRP A 94 1.70 -15.76 15.67
C TRP A 94 2.27 -15.31 17.01
N LEU A 95 3.27 -14.44 16.99
CA LEU A 95 3.86 -13.92 18.22
C LEU A 95 2.83 -13.12 19.00
N ALA A 96 1.92 -12.44 18.29
CA ALA A 96 0.94 -11.58 18.96
C ALA A 96 -0.23 -12.40 19.50
N ASP A 97 -0.31 -13.68 19.17
CA ASP A 97 -1.43 -14.49 19.61
C ASP A 97 -0.99 -15.52 20.64
N ALA A 98 0.16 -16.15 20.43
CA ALA A 98 0.57 -17.25 21.30
C ALA A 98 1.29 -16.75 22.54
N ARG A 99 2.32 -15.92 22.37
CA ARG A 99 3.18 -15.52 23.48
C ARG A 99 2.78 -14.19 24.11
N LEU A 100 2.25 -13.26 23.33
CA LEU A 100 1.89 -11.95 23.87
C LEU A 100 0.45 -11.60 23.52
N GLY A 101 -0.01 -10.44 24.00
CA GLY A 101 -1.27 -9.89 23.56
C GLY A 101 -1.03 -8.96 22.37
N ARG A 102 -2.13 -8.54 21.74
CA ARG A 102 -2.00 -7.63 20.61
C ARG A 102 -1.39 -6.30 21.03
N ALA A 103 -1.83 -5.75 22.17
CA ALA A 103 -1.33 -4.46 22.62
C ALA A 103 0.17 -4.52 22.90
N ARG A 104 0.61 -5.52 23.67
CA ARG A 104 2.03 -5.63 24.00
C ARG A 104 2.87 -5.91 22.76
N ALA A 105 2.36 -6.77 21.86
CA ALA A 105 3.10 -7.07 20.64
C ALA A 105 3.25 -5.82 19.77
N ILE A 106 2.19 -5.03 19.64
CA ILE A 106 2.28 -3.81 18.85
C ILE A 106 3.22 -2.81 19.50
N LEU A 107 3.21 -2.74 20.84
CA LEU A 107 4.13 -1.83 21.53
C LEU A 107 5.58 -2.24 21.29
N LEU A 108 5.88 -3.53 21.40
CA LEU A 108 7.24 -4.01 21.14
C LEU A 108 7.64 -3.77 19.69
N SER A 109 6.72 -4.01 18.76
CA SER A 109 7.00 -3.77 17.35
C SER A 109 7.26 -2.30 17.08
N LEU A 110 6.50 -1.41 17.72
CA LEU A 110 6.72 0.02 17.52
C LEU A 110 8.04 0.47 18.13
N ALA A 111 8.42 -0.12 19.27
CA ALA A 111 9.74 0.19 19.83
C ALA A 111 10.85 -0.24 18.89
N LEU A 112 10.75 -1.45 18.33
CA LEU A 112 11.76 -1.91 17.38
C LEU A 112 11.76 -1.05 16.12
N TYR A 113 10.58 -0.63 15.68
CA TYR A 113 10.46 0.22 14.50
C TYR A 113 11.13 1.57 14.73
N LEU A 114 10.94 2.15 15.92
CA LEU A 114 11.64 3.40 16.26
C LEU A 114 13.14 3.19 16.34
N LEU A 115 13.58 2.06 16.89
CA LEU A 115 15.01 1.78 16.97
C LEU A 115 15.63 1.70 15.58
N GLY A 116 14.95 1.01 14.66
CA GLY A 116 15.42 0.99 13.28
C GLY A 116 15.33 2.35 12.61
N MET A 117 14.31 3.13 12.99
CA MET A 117 14.15 4.48 12.48
C MET A 117 15.33 5.38 12.84
N LEU A 118 15.85 5.26 14.05
CA LEU A 118 16.88 6.17 14.52
C LEU A 118 18.17 6.06 13.72
N ALA A 119 18.35 5.01 12.93
CA ALA A 119 19.60 4.81 12.21
C ALA A 119 19.77 5.79 11.06
N PHE A 120 18.73 5.99 10.25
CA PHE A 120 18.83 6.77 9.03
C PHE A 120 19.17 8.25 9.26
N PRO A 121 18.51 8.95 10.20
CA PRO A 121 18.93 10.34 10.45
C PRO A 121 20.39 10.46 10.84
N LEU A 122 20.90 9.52 11.64
CA LEU A 122 22.29 9.59 12.07
C LEU A 122 23.23 9.42 10.88
N LEU A 123 22.92 8.50 9.97
CA LEU A 123 23.74 8.34 8.77
C LEU A 123 23.65 9.58 7.90
N ALA A 124 22.46 10.18 7.79
CA ALA A 124 22.30 11.38 6.98
C ALA A 124 23.09 12.55 7.55
N ALA A 125 23.13 12.67 8.87
CA ALA A 125 23.88 13.74 9.50
C ALA A 125 25.38 13.54 9.23
N PRO A 126 26.10 14.58 8.81
CA PRO A 126 27.53 14.39 8.51
C PRO A 126 28.38 14.16 9.75
N ALA A 127 27.99 14.74 10.89
CA ALA A 127 28.81 14.61 12.09
C ALA A 127 28.72 13.20 12.68
N THR A 128 27.52 12.63 12.73
CA THR A 128 27.30 11.34 13.37
C THR A 128 27.51 10.16 12.44
N ARG A 129 27.80 10.40 11.16
CA ARG A 129 28.03 9.29 10.23
C ARG A 129 29.33 8.57 10.55
N ALA A 130 30.35 9.32 11.01
CA ALA A 130 31.64 8.72 11.33
C ALA A 130 31.53 7.78 12.51
N ALA A 131 30.67 8.11 13.48
CA ALA A 131 30.50 7.27 14.65
C ALA A 131 29.97 5.89 14.27
N LEU A 132 29.02 5.86 13.33
CA LEU A 132 28.41 4.58 12.96
C LEU A 132 29.27 3.83 11.94
N CYS A 133 29.61 4.47 10.82
CA CYS A 133 30.32 3.75 9.77
C CYS A 133 31.50 4.54 9.20
N GLY A 134 32.18 5.37 9.99
CA GLY A 134 33.32 6.10 9.47
C GLY A 134 34.46 5.18 9.05
N SER A 135 34.74 4.16 9.87
CA SER A 135 35.80 3.21 9.56
C SER A 135 35.58 1.89 10.29
N ALA A 150 33.06 -2.12 -1.65
CA ALA A 150 31.76 -2.02 -2.33
C ALA A 150 30.81 -1.11 -1.54
N ARG A 151 29.98 -1.73 -0.71
CA ARG A 151 29.03 -0.98 0.11
C ARG A 151 29.78 -0.22 1.19
N CYS A 152 29.49 1.07 1.32
CA CYS A 152 30.23 1.91 2.26
C CYS A 152 29.87 1.59 3.71
N CYS A 153 28.57 1.48 4.00
CA CYS A 153 28.08 1.29 5.37
C CYS A 153 27.01 0.20 5.40
N SER A 154 27.31 -0.94 4.78
CA SER A 154 26.34 -2.02 4.72
C SER A 154 25.82 -2.51 6.08
N PRO A 155 26.65 -2.71 7.11
CA PRO A 155 26.10 -3.30 8.35
C PRO A 155 25.03 -2.45 9.01
N ALA A 156 25.28 -1.17 9.23
CA ALA A 156 24.31 -0.32 9.91
C ALA A 156 23.03 -0.18 9.10
N THR A 157 23.17 0.04 7.78
CA THR A 157 22.00 0.20 6.94
C THR A 157 21.17 -1.09 6.90
N PHE A 158 21.82 -2.24 6.79
CA PHE A 158 21.10 -3.51 6.78
C PHE A 158 20.41 -3.76 8.11
N ALA A 159 21.07 -3.47 9.23
CA ALA A 159 20.44 -3.65 10.53
C ALA A 159 19.23 -2.74 10.68
N GLY A 160 19.35 -1.48 10.25
CA GLY A 160 18.22 -0.57 10.32
C GLY A 160 17.06 -1.03 9.46
N LEU A 161 17.35 -1.48 8.24
CA LEU A 161 16.30 -1.94 7.35
C LEU A 161 15.63 -3.21 7.89
N VAL A 162 16.41 -4.12 8.47
CA VAL A 162 15.83 -5.33 9.06
C VAL A 162 14.92 -4.99 10.21
N LEU A 163 15.37 -4.10 11.10
CA LEU A 163 14.53 -3.70 12.23
C LEU A 163 13.25 -3.01 11.76
N VAL A 164 13.37 -2.11 10.79
CA VAL A 164 12.19 -1.42 10.26
C VAL A 164 11.23 -2.41 9.62
N GLY A 165 11.76 -3.36 8.85
CA GLY A 165 10.89 -4.33 8.20
C GLY A 165 10.16 -5.22 9.20
N LEU A 166 10.87 -5.69 10.22
CA LEU A 166 10.21 -6.50 11.24
C LEU A 166 9.14 -5.69 11.97
N GLY A 167 9.45 -4.44 12.32
CA GLY A 167 8.46 -3.61 12.98
C GLY A 167 7.23 -3.37 12.14
N VAL A 168 7.43 -3.07 10.85
CA VAL A 168 6.29 -2.85 9.96
C VAL A 168 5.46 -4.11 9.80
N ALA A 169 6.13 -5.26 9.63
CA ALA A 169 5.41 -6.52 9.46
C ALA A 169 4.59 -6.85 10.70
N THR A 170 5.15 -6.62 11.89
CA THR A 170 4.43 -6.95 13.11
C THR A 170 3.29 -5.96 13.37
N VAL A 171 3.48 -4.69 13.00
CA VAL A 171 2.42 -3.71 13.19
C VAL A 171 1.25 -3.99 12.26
N LYS A 172 1.53 -4.23 10.98
CA LYS A 172 0.47 -4.39 10.00
C LYS A 172 -0.41 -5.60 10.31
N ALA A 173 0.20 -6.70 10.73
CA ALA A 173 -0.58 -7.91 10.98
C ALA A 173 -1.38 -7.83 12.27
N ASN A 174 -1.14 -6.81 13.09
CA ASN A 174 -1.76 -6.73 14.41
C ASN A 174 -2.61 -5.49 14.63
N ILE A 175 -2.31 -4.39 13.92
CA ILE A 175 -3.10 -3.17 14.13
C ILE A 175 -4.51 -3.33 13.57
N THR A 176 -4.64 -4.01 12.42
CA THR A 176 -5.95 -4.14 11.80
C THR A 176 -6.95 -4.93 12.63
N PRO A 177 -6.61 -6.08 13.25
CA PRO A 177 -7.62 -6.73 14.10
C PRO A 177 -7.78 -6.06 15.44
N PHE A 178 -6.73 -5.41 15.95
CA PHE A 178 -6.84 -4.70 17.21
C PHE A 178 -7.80 -3.52 17.10
N GLY A 179 -7.75 -2.79 15.98
CA GLY A 179 -8.64 -1.67 15.81
C GLY A 179 -10.10 -2.08 15.70
N ALA A 180 -10.37 -3.18 14.98
CA ALA A 180 -11.74 -3.64 14.83
C ALA A 180 -12.26 -4.33 16.08
N ASP A 181 -11.38 -4.63 17.05
CA ASP A 181 -11.82 -5.25 18.30
C ASP A 181 -12.74 -4.33 19.10
N GLN A 182 -12.47 -3.02 19.08
CA GLN A 182 -13.29 -2.10 19.83
C GLN A 182 -14.72 -2.04 19.30
N VAL A 183 -14.87 -2.07 17.97
CA VAL A 183 -16.19 -1.93 17.36
C VAL A 183 -16.85 -3.26 17.04
N LYS A 184 -16.21 -4.38 17.38
CA LYS A 184 -16.79 -5.69 17.08
C LYS A 184 -18.06 -5.95 17.89
N ASP A 185 -18.30 -5.37 19.03
CA ASP A 185 -19.53 -5.71 19.71
C ASP A 185 -20.75 -5.25 18.97
N ARG A 186 -20.76 -4.07 18.36
CA ARG A 186 -21.95 -3.63 17.74
C ARG A 186 -22.25 -4.27 16.44
N GLY A 187 -22.14 -5.56 16.37
CA GLY A 187 -22.48 -6.35 15.21
C GLY A 187 -21.44 -6.27 14.11
N PRO A 188 -21.77 -6.83 12.93
CA PRO A 188 -20.81 -6.82 11.81
C PRO A 188 -20.94 -5.58 10.94
N GLU A 189 -21.76 -4.61 11.36
CA GLU A 189 -21.95 -3.38 10.62
C GLU A 189 -21.00 -2.28 11.08
N ALA A 190 -20.60 -2.30 12.35
CA ALA A 190 -19.63 -1.35 12.86
C ALA A 190 -18.21 -1.63 12.42
N THR A 191 -17.81 -2.91 12.33
CA THR A 191 -16.49 -3.27 11.83
C THR A 191 -16.33 -2.96 10.35
N ARG A 192 -17.43 -2.84 9.61
CA ARG A 192 -17.39 -2.39 8.23
C ARG A 192 -17.21 -0.89 8.11
N ARG A 193 -17.81 -0.11 9.01
CA ARG A 193 -17.56 1.33 9.01
C ARG A 193 -16.17 1.67 9.53
N PHE A 194 -15.66 0.90 10.48
CA PHE A 194 -14.32 1.16 10.99
C PHE A 194 -13.26 0.92 9.91
N PHE A 195 -13.42 -0.14 9.13
CA PHE A 195 -12.45 -0.45 8.09
C PHE A 195 -12.46 0.56 6.95
N ASN A 196 -13.47 1.42 6.88
CA ASN A 196 -13.48 2.54 5.95
C ASN A 196 -12.59 3.68 6.41
N TRP A 197 -12.75 4.14 7.64
CA TRP A 197 -11.94 5.23 8.18
C TRP A 197 -10.54 4.78 8.54
N PHE A 198 -10.31 3.47 8.63
CA PHE A 198 -8.95 2.94 8.71
C PHE A 198 -8.19 3.08 7.40
N TYR A 199 -8.80 2.67 6.30
CA TYR A 199 -8.21 2.89 4.98
C TYR A 199 -8.07 4.38 4.68
N TRP A 200 -9.06 5.18 5.08
CA TRP A 200 -8.97 6.62 4.89
C TRP A 200 -7.77 7.20 5.63
N SER A 201 -7.56 6.77 6.88
CA SER A 201 -6.41 7.26 7.64
C SER A 201 -5.10 6.79 7.01
N ILE A 202 -5.07 5.55 6.50
CA ILE A 202 -3.87 5.06 5.81
C ILE A 202 -3.54 5.96 4.63
N ASN A 203 -4.56 6.29 3.82
CA ASN A 203 -4.32 7.11 2.64
C ASN A 203 -4.00 8.55 2.99
N LEU A 204 -4.58 9.08 4.07
CA LEU A 204 -4.20 10.41 4.53
C LEU A 204 -2.74 10.44 4.98
N GLY A 205 -2.29 9.42 5.69
CA GLY A 205 -0.90 9.33 6.06
C GLY A 205 0.01 9.22 4.84
N ALA A 206 -0.43 8.47 3.83
CA ALA A 206 0.33 8.39 2.59
C ALA A 206 0.46 9.75 1.91
N ILE A 207 -0.64 10.51 1.87
CA ILE A 207 -0.61 11.84 1.29
C ILE A 207 0.33 12.75 2.08
N LEU A 208 0.26 12.71 3.40
CA LEU A 208 1.13 13.55 4.21
C LEU A 208 2.60 13.20 4.01
N SER A 209 2.91 11.91 3.93
CA SER A 209 4.30 11.49 3.81
C SER A 209 4.85 11.78 2.41
N LEU A 210 4.10 11.44 1.37
CA LEU A 210 4.58 11.61 0.00
C LEU A 210 4.51 13.06 -0.47
N GLY A 211 3.71 13.89 0.19
CA GLY A 211 3.62 15.28 -0.19
C GLY A 211 4.60 16.17 0.53
N GLY A 212 4.59 16.12 1.85
CA GLY A 212 5.46 16.95 2.64
C GLY A 212 6.84 16.37 2.88
N ILE A 213 6.89 15.17 3.45
CA ILE A 213 8.17 14.56 3.81
C ILE A 213 8.99 14.27 2.57
N ALA A 214 8.36 13.72 1.52
CA ALA A 214 9.10 13.41 0.30
C ALA A 214 9.60 14.66 -0.39
N TYR A 215 8.92 15.79 -0.18
CA TYR A 215 9.40 17.07 -0.72
C TYR A 215 10.66 17.53 0.01
N ILE A 216 10.64 17.46 1.35
CA ILE A 216 11.77 17.92 2.15
C ILE A 216 12.98 17.02 1.93
N GLN A 217 12.74 15.71 1.79
CA GLN A 217 13.85 14.76 1.64
C GLN A 217 14.68 15.05 0.39
N GLN A 218 14.06 15.62 -0.64
CA GLN A 218 14.75 15.87 -1.90
C GLN A 218 15.12 17.33 -2.12
N ASN A 219 14.41 18.27 -1.50
CA ASN A 219 14.65 19.69 -1.75
C ASN A 219 15.44 20.36 -0.63
N VAL A 220 15.07 20.14 0.63
CA VAL A 220 15.68 20.87 1.73
C VAL A 220 16.94 20.16 2.20
N SER A 221 16.78 18.95 2.74
CA SER A 221 17.90 18.18 3.26
C SER A 221 17.39 16.81 3.68
N PHE A 222 18.29 15.83 3.67
CA PHE A 222 17.92 14.48 4.08
C PHE A 222 17.84 14.35 5.60
N VAL A 223 18.62 15.14 6.34
CA VAL A 223 18.56 15.08 7.80
C VAL A 223 17.19 15.50 8.30
N THR A 224 16.69 16.65 7.83
CA THR A 224 15.37 17.11 8.22
C THR A 224 14.28 16.23 7.62
N GLY A 225 14.50 15.69 6.42
CA GLY A 225 13.52 14.83 5.80
C GLY A 225 13.39 13.46 6.45
N TYR A 226 14.41 13.03 7.18
CA TYR A 226 14.34 11.77 7.91
C TYR A 226 14.09 11.95 9.40
N ALA A 227 14.29 13.17 9.93
CA ALA A 227 13.91 13.41 11.32
C ALA A 227 12.40 13.39 11.51
N ILE A 228 11.64 13.88 10.52
CA ILE A 228 10.19 13.96 10.67
C ILE A 228 9.55 12.58 10.83
N PRO A 229 9.83 11.58 9.99
CA PRO A 229 9.21 10.26 10.20
C PRO A 229 9.60 9.62 11.53
N THR A 230 10.81 9.87 12.02
CA THR A 230 11.18 9.38 13.34
C THR A 230 10.31 10.01 14.42
N VAL A 231 10.04 11.30 14.30
CA VAL A 231 9.14 11.96 15.23
C VAL A 231 7.73 11.39 15.11
N CYS A 232 7.32 11.02 13.88
CA CYS A 232 6.02 10.40 13.69
C CYS A 232 5.95 9.06 14.41
N VAL A 233 7.00 8.25 14.31
CA VAL A 233 7.02 6.98 15.03
C VAL A 233 7.00 7.22 16.54
N GLY A 234 7.75 8.22 17.01
CA GLY A 234 7.73 8.54 18.43
C GLY A 234 6.36 8.94 18.93
N LEU A 235 5.65 9.77 18.15
CA LEU A 235 4.30 10.17 18.52
C LEU A 235 3.34 8.99 18.48
N ALA A 236 3.49 8.11 17.49
CA ALA A 236 2.62 6.93 17.41
C ALA A 236 2.80 6.01 18.62
N PHE A 237 3.98 5.99 19.22
CA PHE A 237 4.22 5.19 20.41
C PHE A 237 3.52 5.80 21.62
N VAL A 238 3.52 7.14 21.71
CA VAL A 238 2.90 7.81 22.85
C VAL A 238 1.38 7.62 22.84
N VAL A 239 0.77 7.55 21.65
CA VAL A 239 -0.68 7.45 21.56
C VAL A 239 -1.18 6.19 22.24
N PHE A 240 -0.52 5.06 22.01
CA PHE A 240 -0.95 3.81 22.64
C PHE A 240 -0.76 3.85 24.16
N LEU A 241 0.35 4.42 24.63
CA LEU A 241 0.55 4.54 26.07
C LEU A 241 -0.53 5.41 26.70
N CYS A 242 -0.96 6.46 25.98
CA CYS A 242 -2.03 7.30 26.50
C CYS A 242 -3.39 6.62 26.40
N GLY A 243 -3.56 5.69 25.45
CA GLY A 243 -4.83 5.06 25.24
C GLY A 243 -4.95 3.66 25.79
N GLN A 244 -4.04 3.27 26.67
CA GLN A 244 -4.10 1.95 27.28
C GLN A 244 -5.30 1.79 28.21
N SER A 245 -5.90 2.89 28.65
CA SER A 245 -7.02 2.84 29.58
C SER A 245 -8.37 2.73 28.90
N VAL A 246 -8.42 2.79 27.57
CA VAL A 246 -9.68 2.77 26.84
C VAL A 246 -9.73 1.67 25.79
N PHE A 247 -8.69 0.86 25.66
CA PHE A 247 -8.64 -0.19 24.65
C PHE A 247 -9.25 -1.49 25.17
N LYS A 273 -12.32 -27.43 18.19
CA LYS A 273 -11.19 -26.96 17.41
C LYS A 273 -11.22 -27.52 15.99
N VAL A 274 -11.93 -28.63 15.77
CA VAL A 274 -12.13 -29.12 14.41
C VAL A 274 -12.86 -28.08 13.57
N GLU A 275 -13.75 -27.31 14.19
CA GLU A 275 -14.46 -26.25 13.47
C GLU A 275 -13.49 -25.19 12.94
N ASP A 276 -12.53 -24.78 13.77
CA ASP A 276 -11.58 -23.77 13.28
C ASP A 276 -10.57 -24.36 12.32
N VAL A 277 -10.25 -25.65 12.44
CA VAL A 277 -9.46 -26.31 11.39
C VAL A 277 -10.20 -26.27 10.06
N LYS A 278 -11.51 -26.55 10.09
CA LYS A 278 -12.33 -26.46 8.89
C LYS A 278 -12.31 -25.03 8.34
N ALA A 279 -12.42 -24.04 9.22
CA ALA A 279 -12.38 -22.65 8.78
C ALA A 279 -11.06 -22.32 8.11
N LEU A 280 -9.95 -22.78 8.68
CA LEU A 280 -8.63 -22.54 8.09
C LEU A 280 -8.54 -23.15 6.70
N VAL A 281 -8.85 -24.44 6.59
CA VAL A 281 -8.72 -25.13 5.30
C VAL A 281 -9.75 -24.67 4.29
N LYS A 282 -10.80 -23.97 4.74
CA LYS A 282 -11.81 -23.44 3.85
C LYS A 282 -11.51 -22.02 3.39
N ILE A 283 -10.78 -21.24 4.19
CA ILE A 283 -10.40 -19.89 3.78
C ILE A 283 -9.05 -19.83 3.09
N VAL A 284 -8.23 -20.88 3.20
CA VAL A 284 -6.97 -20.90 2.45
C VAL A 284 -7.18 -20.78 0.94
N PRO A 285 -8.11 -21.54 0.32
CA PRO A 285 -8.28 -21.39 -1.14
C PRO A 285 -8.68 -19.99 -1.58
N VAL A 286 -9.46 -19.27 -0.79
CA VAL A 286 -9.85 -17.91 -1.16
C VAL A 286 -8.63 -17.00 -1.20
N PHE A 287 -7.74 -17.13 -0.21
CA PHE A 287 -6.51 -16.37 -0.22
C PHE A 287 -5.62 -16.76 -1.39
N LEU A 288 -5.58 -18.06 -1.71
CA LEU A 288 -4.75 -18.51 -2.84
C LEU A 288 -5.25 -17.93 -4.15
N ALA A 289 -6.58 -17.86 -4.33
CA ALA A 289 -7.14 -17.34 -5.57
C ALA A 289 -6.97 -15.84 -5.73
N LEU A 290 -6.52 -15.14 -4.69
CA LEU A 290 -6.33 -13.69 -4.74
C LEU A 290 -4.92 -13.29 -5.14
N ILE A 291 -4.01 -14.25 -5.37
CA ILE A 291 -2.66 -13.90 -5.78
C ILE A 291 -2.63 -13.12 -7.10
N PRO A 292 -3.34 -13.53 -8.16
CA PRO A 292 -3.34 -12.71 -9.38
C PRO A 292 -3.89 -11.31 -9.18
N TYR A 293 -4.79 -11.10 -8.23
CA TYR A 293 -5.28 -9.75 -7.98
C TYR A 293 -4.14 -8.83 -7.55
N TRP A 294 -3.35 -9.26 -6.55
CA TRP A 294 -2.20 -8.46 -6.14
C TRP A 294 -1.16 -8.39 -7.23
N THR A 295 -0.98 -9.46 -7.99
CA THR A 295 -0.06 -9.46 -9.13
C THR A 295 -0.37 -8.30 -10.07
N VAL A 296 -1.63 -8.16 -10.46
CA VAL A 296 -2.03 -7.05 -11.32
C VAL A 296 -2.00 -5.71 -10.60
N TYR A 297 -2.38 -5.67 -9.32
CA TYR A 297 -2.51 -4.41 -8.61
C TYR A 297 -1.16 -3.72 -8.41
N PHE A 298 -0.13 -4.48 -8.04
CA PHE A 298 1.19 -3.87 -7.86
C PHE A 298 1.83 -3.47 -9.20
N GLN A 299 1.62 -4.27 -10.24
CA GLN A 299 2.10 -3.89 -11.56
C GLN A 299 1.41 -2.63 -12.07
N MET A 300 0.12 -2.44 -11.76
CA MET A 300 -0.53 -1.18 -12.03
C MET A 300 0.04 -0.03 -11.21
N GLN A 301 0.37 -0.28 -9.94
CA GLN A 301 1.06 0.75 -9.16
C GLN A 301 2.33 1.22 -9.85
N THR A 302 3.11 0.29 -10.39
CA THR A 302 4.41 0.64 -10.97
C THR A 302 4.28 1.28 -12.35
N THR A 303 3.56 0.60 -13.26
CA THR A 303 3.54 1.06 -14.65
C THR A 303 2.71 2.32 -14.83
N TYR A 304 1.74 2.58 -13.93
CA TYR A 304 1.01 3.84 -14.02
C TYR A 304 1.93 5.03 -13.78
N VAL A 305 2.82 4.91 -12.79
CA VAL A 305 3.81 5.96 -12.56
C VAL A 305 4.79 6.02 -13.71
N LEU A 306 5.17 4.86 -14.27
CA LEU A 306 6.04 4.86 -15.44
C LEU A 306 5.43 5.65 -16.59
N GLN A 307 4.13 5.48 -16.82
CA GLN A 307 3.44 6.22 -17.87
C GLN A 307 3.30 7.69 -17.51
N SER A 308 3.06 8.00 -16.24
CA SER A 308 2.91 9.39 -15.81
C SER A 308 4.20 10.17 -16.00
N LEU A 309 5.35 9.52 -15.81
CA LEU A 309 6.62 10.19 -16.03
C LEU A 309 6.79 10.62 -17.48
N HIS A 310 6.19 9.88 -18.42
CA HIS A 310 6.33 10.15 -19.85
C HIS A 310 5.10 10.83 -20.42
N LEU A 311 4.51 11.74 -19.66
CA LEU A 311 3.33 12.48 -20.05
C LEU A 311 3.56 13.92 -19.64
N ARG A 312 2.94 14.87 -20.35
CA ARG A 312 3.22 16.28 -20.09
C ARG A 312 2.71 16.67 -18.70
N ILE A 313 3.63 17.02 -17.82
CA ILE A 313 3.36 17.37 -16.43
C ILE A 313 3.55 18.87 -16.27
N PRO A 314 2.53 19.61 -15.86
CA PRO A 314 2.68 21.06 -15.71
C PRO A 314 3.57 21.42 -14.53
N GLU A 315 4.21 22.57 -14.63
CA GLU A 315 5.05 23.09 -13.55
C GLU A 315 4.20 23.85 -12.55
N ILE A 316 4.74 24.00 -11.34
CA ILE A 316 4.03 24.63 -10.24
C ILE A 316 4.56 26.03 -9.92
N SER A 317 5.88 26.26 -10.03
CA SER A 317 6.43 27.56 -9.69
C SER A 317 7.27 28.12 -10.83
N ASN A 318 7.95 29.23 -10.60
CA ASN A 318 8.77 29.86 -11.63
C ASN A 318 10.25 29.70 -11.33
N PRO A 323 14.37 25.30 -3.83
CA PRO A 323 13.71 24.00 -4.06
C PRO A 323 13.14 23.89 -5.47
N HIS A 324 13.60 22.89 -6.23
CA HIS A 324 13.16 22.67 -7.60
C HIS A 324 12.93 21.18 -7.80
N THR A 325 12.50 20.82 -9.01
CA THR A 325 12.42 19.42 -9.43
C THR A 325 11.53 18.59 -8.51
N LEU A 326 10.22 18.86 -8.55
CA LEU A 326 9.25 18.15 -7.73
C LEU A 326 9.54 16.64 -7.70
N PRO A 327 9.34 15.99 -6.55
CA PRO A 327 9.66 14.58 -6.43
C PRO A 327 8.77 13.72 -7.32
N ALA A 328 9.33 12.60 -7.77
CA ALA A 328 8.55 11.64 -8.55
C ALA A 328 7.48 10.97 -7.70
N ALA A 329 7.73 10.86 -6.40
CA ALA A 329 6.77 10.22 -5.50
C ALA A 329 5.42 10.92 -5.54
N TRP A 330 5.41 12.23 -5.83
CA TRP A 330 4.16 12.96 -5.92
C TRP A 330 3.19 12.29 -6.87
N LEU A 331 3.71 11.69 -7.96
CA LEU A 331 2.84 11.04 -8.93
C LEU A 331 2.02 9.94 -8.27
N THR A 332 2.64 9.12 -7.41
CA THR A 332 1.89 8.08 -6.72
C THR A 332 0.73 8.69 -5.93
N MET A 333 0.97 9.87 -5.33
CA MET A 333 -0.07 10.56 -4.57
C MET A 333 -1.39 10.58 -5.31
N PHE A 334 -1.33 10.73 -6.65
CA PHE A 334 -2.54 10.82 -7.46
C PHE A 334 -3.56 9.78 -7.04
N ASP A 335 -3.15 8.51 -7.00
CA ASP A 335 -4.09 7.46 -6.67
C ASP A 335 -4.74 7.72 -5.31
N ALA A 336 -3.90 7.91 -4.28
CA ALA A 336 -4.44 8.14 -2.95
C ALA A 336 -5.23 9.44 -2.88
N VAL A 337 -4.89 10.42 -3.72
CA VAL A 337 -5.65 11.68 -3.71
C VAL A 337 -7.10 11.41 -4.06
N LEU A 338 -7.36 10.46 -4.97
CA LEU A 338 -8.74 10.09 -5.25
C LEU A 338 -9.37 9.42 -4.03
N ILE A 339 -8.64 8.53 -3.37
CA ILE A 339 -9.24 7.64 -2.37
C ILE A 339 -9.88 8.44 -1.25
N LEU A 340 -9.15 9.43 -0.72
CA LEU A 340 -9.73 10.33 0.26
C LEU A 340 -11.08 10.86 -0.22
N LEU A 341 -11.09 11.52 -1.37
CA LEU A 341 -12.32 12.16 -1.83
C LEU A 341 -13.42 11.14 -2.06
N LEU A 342 -13.08 9.86 -2.16
CA LEU A 342 -14.12 8.85 -2.38
C LEU A 342 -14.65 8.29 -1.07
N ILE A 343 -13.81 8.14 -0.04
CA ILE A 343 -14.20 7.32 1.12
C ILE A 343 -15.35 7.92 1.92
N PRO A 344 -15.35 9.21 2.28
CA PRO A 344 -16.55 9.77 2.91
C PRO A 344 -17.77 9.64 2.01
N LEU A 345 -17.68 10.24 0.82
CA LEU A 345 -18.78 10.22 -0.13
C LEU A 345 -19.37 8.81 -0.25
N LYS A 346 -18.54 7.87 -0.73
CA LYS A 346 -18.95 6.47 -0.83
C LYS A 346 -19.71 6.05 0.40
N ASP A 347 -19.08 6.19 1.57
CA ASP A 347 -19.68 5.77 2.82
C ASP A 347 -21.14 6.18 2.87
N LYS A 348 -21.39 7.50 2.80
CA LYS A 348 -22.77 7.97 2.80
C LYS A 348 -23.55 7.34 1.66
N LEU A 349 -23.12 7.58 0.43
CA LEU A 349 -23.86 7.06 -0.71
C LEU A 349 -23.78 5.55 -0.84
N VAL A 350 -23.22 4.84 0.15
CA VAL A 350 -23.28 3.39 0.12
C VAL A 350 -23.92 2.88 1.41
N ASP A 351 -23.85 3.68 2.48
CA ASP A 351 -24.32 3.06 3.72
C ASP A 351 -25.84 3.05 3.77
N PRO A 352 -26.55 4.18 3.54
CA PRO A 352 -27.98 4.06 3.24
C PRO A 352 -28.27 3.27 1.97
N ILE A 353 -27.76 3.75 0.84
CA ILE A 353 -28.29 3.37 -0.47
C ILE A 353 -28.20 1.87 -0.68
N LEU A 354 -27.04 1.28 -0.40
CA LEU A 354 -26.85 -0.14 -0.66
C LEU A 354 -27.35 -1.03 0.47
N ARG A 355 -27.83 -0.46 1.57
CA ARG A 355 -28.28 -1.30 2.68
C ARG A 355 -29.79 -1.51 2.66
N ARG A 356 -30.56 -0.43 2.52
CA ARG A 356 -32.02 -0.57 2.47
C ARG A 356 -32.49 -1.31 1.23
N HIS A 357 -31.67 -1.42 0.20
CA HIS A 357 -32.01 -2.17 -1.00
C HIS A 357 -31.48 -3.59 -0.99
N GLY A 358 -30.69 -3.96 0.02
CA GLY A 358 -30.14 -5.30 0.08
C GLY A 358 -29.24 -5.65 -1.08
N LEU A 359 -28.40 -4.71 -1.50
CA LEU A 359 -27.53 -4.88 -2.65
C LEU A 359 -26.09 -5.06 -2.20
N LEU A 360 -25.44 -6.12 -2.70
CA LEU A 360 -24.02 -6.37 -2.50
C LEU A 360 -23.65 -6.41 -1.01
N PRO A 361 -24.23 -7.32 -0.23
CA PRO A 361 -23.96 -7.31 1.21
C PRO A 361 -22.72 -8.08 1.62
N SER A 362 -22.34 -9.08 0.84
CA SER A 362 -21.21 -9.93 1.20
C SER A 362 -19.89 -9.25 0.87
N SER A 363 -18.82 -9.75 1.49
CA SER A 363 -17.49 -9.17 1.32
C SER A 363 -16.74 -9.75 0.13
N LEU A 364 -17.29 -10.77 -0.54
CA LEU A 364 -16.62 -11.38 -1.69
C LEU A 364 -17.15 -10.83 -3.01
N LYS A 365 -18.45 -10.56 -3.09
CA LYS A 365 -18.98 -9.91 -4.28
C LYS A 365 -18.38 -8.52 -4.46
N ARG A 366 -18.05 -7.84 -3.36
CA ARG A 366 -17.39 -6.55 -3.46
C ARG A 366 -15.98 -6.70 -4.02
N ILE A 367 -15.28 -7.77 -3.64
CA ILE A 367 -13.97 -8.04 -4.24
C ILE A 367 -14.13 -8.31 -5.74
N ALA A 368 -15.19 -9.01 -6.12
CA ALA A 368 -15.45 -9.25 -7.54
C ALA A 368 -15.68 -7.94 -8.29
N VAL A 369 -16.45 -7.03 -7.70
CA VAL A 369 -16.68 -5.72 -8.32
C VAL A 369 -15.37 -4.95 -8.44
N GLY A 370 -14.53 -5.01 -7.40
CA GLY A 370 -13.22 -4.38 -7.48
C GLY A 370 -12.37 -4.95 -8.60
N MET A 371 -12.40 -6.26 -8.79
CA MET A 371 -11.67 -6.87 -9.90
C MET A 371 -12.21 -6.41 -11.25
N PHE A 372 -13.53 -6.29 -11.36
CA PHE A 372 -14.12 -5.77 -12.60
C PHE A 372 -13.60 -4.37 -12.91
N PHE A 373 -13.59 -3.50 -11.91
CA PHE A 373 -13.09 -2.15 -12.15
C PHE A 373 -11.59 -2.11 -12.39
N VAL A 374 -10.83 -3.05 -11.81
CA VAL A 374 -9.41 -3.17 -12.13
C VAL A 374 -9.21 -3.49 -13.61
N MET A 375 -10.00 -4.43 -14.13
CA MET A 375 -9.90 -4.77 -15.55
C MET A 375 -10.27 -3.58 -16.42
N CYS A 376 -11.32 -2.85 -16.04
CA CYS A 376 -11.70 -1.66 -16.81
C CYS A 376 -10.59 -0.61 -16.79
N SER A 377 -9.95 -0.43 -15.64
CA SER A 377 -8.83 0.50 -15.57
C SER A 377 -7.67 0.06 -16.44
N ALA A 378 -7.38 -1.25 -16.48
CA ALA A 378 -6.34 -1.75 -17.35
C ALA A 378 -6.64 -1.45 -18.81
N PHE A 379 -7.89 -1.66 -19.22
CA PHE A 379 -8.27 -1.36 -20.59
C PHE A 379 -8.13 0.12 -20.91
N ALA A 380 -8.56 0.98 -20.00
CA ALA A 380 -8.41 2.42 -20.21
C ALA A 380 -6.95 2.82 -20.31
N ALA A 381 -6.09 2.21 -19.47
CA ALA A 381 -4.67 2.47 -19.53
C ALA A 381 -4.08 2.02 -20.86
N GLY A 382 -4.51 0.86 -21.36
CA GLY A 382 -4.04 0.41 -22.66
C GLY A 382 -4.43 1.35 -23.77
N ILE A 383 -5.67 1.85 -23.74
CA ILE A 383 -6.12 2.80 -24.76
C ILE A 383 -5.27 4.07 -24.72
N LEU A 384 -5.05 4.60 -23.51
CA LEU A 384 -4.26 5.83 -23.37
C LEU A 384 -2.83 5.60 -23.82
N GLU A 385 -2.27 4.43 -23.52
CA GLU A 385 -0.90 4.14 -23.94
C GLU A 385 -0.79 4.02 -25.46
N SER A 386 -1.79 3.42 -26.09
CA SER A 386 -1.80 3.39 -27.56
C SER A 386 -1.86 4.79 -28.14
N LYS A 387 -2.71 5.65 -27.56
CA LYS A 387 -2.75 7.04 -28.02
C LYS A 387 -1.41 7.74 -27.84
N ARG A 388 -0.77 7.54 -26.68
CA ARG A 388 0.50 8.17 -26.42
C ARG A 388 1.59 7.68 -27.38
N LEU A 389 1.61 6.37 -27.67
CA LEU A 389 2.60 5.83 -28.59
C LEU A 389 2.35 6.30 -30.01
N ASN A 390 1.09 6.52 -30.39
CA ASN A 390 0.81 7.11 -31.68
C ASN A 390 1.25 8.56 -31.74
N LEU A 391 1.08 9.30 -30.64
CA LEU A 391 1.41 10.72 -30.64
C LEU A 391 2.90 10.96 -30.56
N VAL A 392 3.66 10.05 -29.92
CA VAL A 392 5.07 10.29 -29.67
C VAL A 392 5.88 10.26 -30.97
N LYS A 393 5.39 9.57 -32.00
CA LYS A 393 6.12 9.51 -33.26
C LYS A 393 6.23 10.87 -33.94
N GLU A 394 5.32 11.80 -33.63
CA GLU A 394 5.35 13.11 -34.26
C GLU A 394 6.39 14.02 -33.61
N LYS A 395 6.25 14.26 -32.31
CA LYS A 395 7.17 15.13 -31.59
C LYS A 395 7.29 14.65 -30.15
N THR A 396 8.36 15.08 -29.49
CA THR A 396 8.61 14.72 -28.10
C THR A 396 9.26 15.89 -27.40
N ILE A 397 8.92 16.08 -26.12
CA ILE A 397 9.49 17.15 -25.31
C ILE A 397 10.25 16.51 -24.15
N ASN A 398 11.10 17.31 -23.52
CA ASN A 398 11.92 16.88 -22.40
C ASN A 398 11.47 17.60 -21.13
N GLN A 399 11.23 16.83 -20.07
CA GLN A 399 10.85 17.42 -18.79
C GLN A 399 11.64 16.75 -17.67
N THR A 400 12.09 17.55 -16.71
CA THR A 400 12.94 17.04 -15.63
C THR A 400 12.09 16.72 -14.40
N ILE A 401 12.33 15.55 -13.81
CA ILE A 401 11.62 15.11 -12.60
C ILE A 401 12.69 14.57 -11.66
N GLY A 402 13.02 15.34 -10.63
CA GLY A 402 14.08 14.94 -9.71
C GLY A 402 15.44 15.40 -10.20
N ASN A 403 16.17 14.50 -10.86
CA ASN A 403 17.41 14.90 -11.50
C ASN A 403 17.58 14.23 -12.87
N VAL A 404 16.50 13.66 -13.41
CA VAL A 404 16.54 12.96 -14.68
C VAL A 404 15.46 13.56 -15.58
N VAL A 405 15.80 13.70 -16.86
CA VAL A 405 14.89 14.24 -17.86
C VAL A 405 14.22 13.09 -18.60
N TYR A 406 12.90 13.11 -18.66
CA TYR A 406 12.09 12.14 -19.38
C TYR A 406 11.62 12.75 -20.68
N HIS A 407 11.54 11.90 -21.71
CA HIS A 407 10.97 12.28 -23.00
C HIS A 407 9.49 11.94 -23.00
N ALA A 408 8.65 12.96 -23.13
CA ALA A 408 7.22 12.82 -22.98
C ALA A 408 6.51 13.39 -24.20
N ALA A 409 5.39 12.78 -24.55
CA ALA A 409 4.53 13.29 -25.60
C ALA A 409 3.80 14.54 -25.12
N ASP A 410 3.27 15.31 -26.07
CA ASP A 410 2.53 16.54 -25.74
C ASP A 410 1.07 16.22 -25.46
N LEU A 411 0.86 15.27 -24.56
CA LEU A 411 -0.47 14.83 -24.14
C LEU A 411 -0.58 15.07 -22.65
N SER A 412 -1.64 15.77 -22.23
CA SER A 412 -1.73 16.27 -20.87
C SER A 412 -1.79 15.13 -19.86
N LEU A 413 -1.22 15.37 -18.68
CA LEU A 413 -1.21 14.36 -17.63
C LEU A 413 -2.61 14.08 -17.10
N TRP A 414 -3.48 15.09 -17.09
CA TRP A 414 -4.82 14.93 -16.55
C TRP A 414 -5.66 13.96 -17.37
N TRP A 415 -5.25 13.64 -18.60
CA TRP A 415 -5.92 12.60 -19.37
C TRP A 415 -5.79 11.23 -18.73
N GLN A 416 -4.90 11.09 -17.76
CA GLN A 416 -4.73 9.88 -16.96
C GLN A 416 -5.73 9.80 -15.82
N VAL A 417 -6.57 10.82 -15.63
CA VAL A 417 -7.57 10.78 -14.56
C VAL A 417 -8.54 9.63 -14.71
N PRO A 418 -9.09 9.33 -15.89
CA PRO A 418 -10.04 8.20 -15.99
C PRO A 418 -9.46 6.87 -15.53
N GLN A 419 -8.14 6.68 -15.62
CA GLN A 419 -7.54 5.45 -15.10
C GLN A 419 -7.72 5.37 -13.59
N TYR A 420 -7.26 6.40 -12.89
CA TYR A 420 -7.15 6.40 -11.44
C TYR A 420 -8.50 6.38 -10.74
N LEU A 421 -9.56 6.82 -11.42
CA LEU A 421 -10.90 6.62 -10.87
C LEU A 421 -11.22 5.13 -10.80
N LEU A 422 -11.00 4.41 -11.89
CA LEU A 422 -11.47 3.02 -11.98
C LEU A 422 -10.75 2.14 -10.97
N ILE A 423 -9.43 2.30 -10.83
CA ILE A 423 -8.74 1.58 -9.75
C ILE A 423 -9.14 2.15 -8.39
N GLY A 424 -9.36 3.46 -8.28
CA GLY A 424 -9.77 4.01 -7.01
C GLY A 424 -11.06 3.40 -6.50
N ILE A 425 -12.06 3.33 -7.37
CA ILE A 425 -13.29 2.62 -7.03
C ILE A 425 -12.99 1.18 -6.65
N SER A 426 -12.06 0.55 -7.36
CA SER A 426 -11.62 -0.79 -6.99
C SER A 426 -11.10 -0.84 -5.57
N GLU A 427 -10.24 0.12 -5.21
CA GLU A 427 -9.73 0.15 -3.85
C GLU A 427 -10.80 0.51 -2.84
N ILE A 428 -11.90 1.11 -3.31
CA ILE A 428 -13.05 1.31 -2.45
C ILE A 428 -13.71 -0.03 -2.14
N PHE A 429 -13.73 -0.95 -3.11
CA PHE A 429 -14.45 -2.22 -2.96
C PHE A 429 -13.52 -3.36 -2.58
N ALA A 430 -12.52 -3.64 -3.41
CA ALA A 430 -11.71 -4.85 -3.21
C ALA A 430 -10.78 -4.71 -2.01
N SER A 431 -10.22 -3.52 -1.80
CA SER A 431 -9.22 -3.36 -0.75
C SER A 431 -9.83 -3.47 0.65
N ILE A 432 -10.93 -2.76 0.88
CA ILE A 432 -11.56 -2.80 2.20
C ILE A 432 -12.23 -4.14 2.43
N ALA A 433 -12.95 -4.64 1.42
CA ALA A 433 -13.68 -5.90 1.59
C ALA A 433 -12.73 -7.08 1.81
N GLY A 434 -11.53 -7.02 1.25
CA GLY A 434 -10.56 -8.05 1.53
C GLY A 434 -10.20 -8.12 3.01
N LEU A 435 -9.99 -6.95 3.62
CA LEU A 435 -9.71 -6.90 5.05
C LEU A 435 -10.91 -7.35 5.85
N GLU A 436 -12.12 -6.95 5.45
CA GLU A 436 -13.32 -7.38 6.16
C GLU A 436 -13.47 -8.90 6.12
N PHE A 437 -13.24 -9.51 4.95
CA PHE A 437 -13.33 -10.95 4.83
C PHE A 437 -12.25 -11.64 5.65
N ALA A 438 -11.03 -11.09 5.64
CA ALA A 438 -9.95 -11.68 6.43
C ALA A 438 -10.25 -11.60 7.92
N TYR A 439 -10.94 -10.54 8.36
CA TYR A 439 -11.24 -10.39 9.77
C TYR A 439 -12.41 -11.29 10.19
N SER A 440 -13.52 -11.24 9.45
CA SER A 440 -14.72 -11.97 9.85
C SER A 440 -14.56 -13.47 9.65
N ALA A 441 -14.03 -13.87 8.50
CA ALA A 441 -13.88 -15.30 8.18
C ALA A 441 -12.53 -15.80 8.68
N ALA A 442 -12.42 -15.85 10.01
CA ALA A 442 -11.20 -16.28 10.67
C ALA A 442 -11.54 -16.75 12.07
N PRO A 443 -10.86 -17.76 12.60
CA PRO A 443 -11.13 -18.22 13.96
C PRO A 443 -10.82 -17.11 14.97
N LYS A 444 -11.56 -17.14 16.09
CA LYS A 444 -11.36 -16.12 17.11
C LYS A 444 -9.97 -16.19 17.71
N SER A 445 -9.43 -17.40 17.89
CA SER A 445 -8.11 -17.54 18.50
C SER A 445 -7.00 -17.09 17.55
N MET A 446 -7.14 -17.35 16.25
CA MET A 446 -6.09 -17.07 15.27
C MET A 446 -6.27 -15.72 14.59
N GLN A 447 -7.07 -14.82 15.17
CA GLN A 447 -7.13 -13.47 14.63
C GLN A 447 -5.76 -12.82 14.76
N SER A 448 -5.42 -11.99 13.76
CA SER A 448 -4.13 -11.35 13.54
C SER A 448 -3.08 -12.32 13.04
N ALA A 449 -3.38 -13.62 12.99
CA ALA A 449 -2.55 -14.58 12.26
C ALA A 449 -3.08 -14.87 10.88
N ILE A 450 -4.40 -14.82 10.70
CA ILE A 450 -4.99 -14.90 9.36
C ILE A 450 -4.65 -13.63 8.57
N MET A 451 -4.64 -12.47 9.24
CA MET A 451 -4.16 -11.26 8.59
C MET A 451 -2.70 -11.37 8.21
N GLY A 452 -1.91 -12.11 8.99
CA GLY A 452 -0.54 -12.37 8.60
C GLY A 452 -0.46 -13.12 7.28
N LEU A 453 -1.29 -14.15 7.13
CA LEU A 453 -1.32 -14.88 5.86
C LEU A 453 -1.83 -13.99 4.73
N PHE A 454 -2.80 -13.12 5.03
CA PHE A 454 -3.31 -12.20 4.01
C PHE A 454 -2.19 -11.30 3.48
N PHE A 455 -1.44 -10.67 4.38
CA PHE A 455 -0.37 -9.78 3.96
C PHE A 455 0.84 -10.53 3.42
N PHE A 456 0.99 -11.81 3.76
CA PHE A 456 2.04 -12.62 3.15
C PHE A 456 1.70 -13.01 1.72
N PHE A 457 0.43 -13.37 1.47
CA PHE A 457 0.02 -13.69 0.12
C PHE A 457 -0.01 -12.43 -0.75
N SER A 458 -0.26 -11.27 -0.16
CA SER A 458 -0.06 -10.02 -0.89
C SER A 458 1.38 -9.87 -1.37
N GLY A 459 2.36 -10.19 -0.53
CA GLY A 459 3.76 -10.14 -0.92
C GLY A 459 4.11 -11.17 -1.97
N VAL A 460 3.53 -12.36 -1.85
CA VAL A 460 3.73 -13.39 -2.88
C VAL A 460 3.20 -12.90 -4.22
N GLY A 461 2.03 -12.28 -4.22
CA GLY A 461 1.50 -11.70 -5.45
C GLY A 461 2.39 -10.60 -6.00
N SER A 462 2.92 -9.75 -5.12
CA SER A 462 3.84 -8.70 -5.57
C SER A 462 5.08 -9.30 -6.23
N PHE A 463 5.65 -10.35 -5.63
CA PHE A 463 6.86 -10.93 -6.18
C PHE A 463 6.59 -11.66 -7.50
N VAL A 464 5.47 -12.38 -7.60
CA VAL A 464 5.16 -13.02 -8.87
C VAL A 464 4.84 -11.97 -9.93
N GLY A 465 4.31 -10.82 -9.53
CA GLY A 465 4.15 -9.73 -10.49
C GLY A 465 5.47 -9.18 -10.98
N SER A 466 6.44 -9.04 -10.07
CA SER A 466 7.78 -8.62 -10.49
C SER A 466 8.39 -9.64 -11.45
N GLY A 467 8.19 -10.94 -11.17
CA GLY A 467 8.64 -11.96 -12.09
C GLY A 467 7.95 -11.87 -13.44
N LEU A 468 6.65 -11.57 -13.45
CA LEU A 468 5.91 -11.40 -14.69
C LEU A 468 6.46 -10.22 -15.50
N LEU A 469 6.78 -9.13 -14.82
CA LEU A 469 7.40 -8.00 -15.51
C LEU A 469 8.76 -8.38 -16.08
N ALA A 470 9.54 -9.16 -15.32
CA ALA A 470 10.80 -9.66 -15.84
C ALA A 470 10.62 -10.61 -17.02
N LEU A 471 9.47 -11.27 -17.12
CA LEU A 471 9.24 -12.22 -18.20
C LEU A 471 9.04 -11.53 -19.54
N VAL A 472 8.24 -10.46 -19.58
CA VAL A 472 7.88 -9.81 -20.82
C VAL A 472 9.02 -8.92 -21.30
N SER A 473 10.10 -8.86 -20.53
CA SER A 473 11.27 -8.07 -20.88
C SER A 473 12.34 -8.86 -21.61
N ILE A 474 12.10 -10.15 -21.88
CA ILE A 474 13.12 -10.95 -22.56
C ILE A 474 13.17 -10.58 -24.04
N LYS A 475 14.25 -11.02 -24.69
CA LYS A 475 14.45 -10.70 -26.10
C LYS A 475 13.42 -11.40 -26.99
N ALA A 476 12.91 -12.55 -26.54
CA ALA A 476 11.93 -13.27 -27.35
C ALA A 476 10.64 -12.47 -27.50
N ILE A 477 10.17 -11.84 -26.43
CA ILE A 477 8.95 -11.06 -26.47
C ILE A 477 9.29 -9.60 -26.78
N GLY A 478 10.16 -9.02 -25.96
CA GLY A 478 10.63 -7.67 -26.21
C GLY A 478 9.65 -6.57 -25.88
N TRP A 479 8.60 -6.85 -25.11
CA TRP A 479 7.66 -5.81 -24.74
C TRP A 479 8.32 -4.74 -23.89
N MET A 480 9.18 -5.15 -22.95
CA MET A 480 9.87 -4.24 -22.04
C MET A 480 11.38 -4.37 -22.20
N SER A 481 11.87 -4.40 -23.44
CA SER A 481 13.29 -4.57 -23.69
C SER A 481 14.11 -3.38 -23.24
N SER A 482 13.48 -2.24 -22.98
CA SER A 482 14.20 -1.05 -22.56
C SER A 482 13.40 -0.23 -21.55
N GLY A 487 15.58 4.53 -18.94
CA GLY A 487 14.33 4.91 -18.32
C GLY A 487 13.25 5.29 -19.31
N ASN A 488 13.62 5.33 -20.58
CA ASN A 488 12.70 5.71 -21.64
C ASN A 488 11.85 4.52 -22.06
N ILE A 489 10.54 4.70 -22.09
CA ILE A 489 9.60 3.65 -22.48
C ILE A 489 8.94 3.96 -23.81
N ASN A 490 9.47 4.92 -24.57
CA ASN A 490 8.92 5.21 -25.89
C ASN A 490 9.15 4.07 -26.87
N GLY A 491 10.12 3.20 -26.61
CA GLY A 491 10.34 2.02 -27.40
C GLY A 491 9.76 0.74 -26.83
N CYS A 492 9.00 0.83 -25.74
CA CYS A 492 8.41 -0.33 -25.09
C CYS A 492 6.91 -0.31 -25.27
N TYR A 493 6.33 -1.46 -25.64
CA TYR A 493 4.89 -1.58 -25.84
C TYR A 493 4.21 -1.79 -24.50
N LEU A 494 3.99 -0.68 -23.79
CA LEU A 494 3.28 -0.75 -22.52
C LEU A 494 1.80 -1.07 -22.72
N ASN A 495 1.26 -0.77 -23.90
CA ASN A 495 -0.15 -1.07 -24.16
C ASN A 495 -0.41 -2.57 -24.17
N TYR A 496 0.49 -3.34 -24.79
CA TYR A 496 0.35 -4.80 -24.76
C TYR A 496 0.43 -5.34 -23.33
N TYR A 497 1.31 -4.76 -22.52
CA TYR A 497 1.41 -5.15 -21.12
C TYR A 497 0.11 -4.84 -20.38
N PHE A 498 -0.50 -3.69 -20.65
CA PHE A 498 -1.76 -3.34 -20.01
C PHE A 498 -2.87 -4.27 -20.44
N PHE A 499 -2.91 -4.64 -21.71
CA PHE A 499 -3.92 -5.58 -22.20
C PHE A 499 -3.72 -6.97 -21.59
N LEU A 500 -2.47 -7.40 -21.45
CA LEU A 500 -2.20 -8.68 -20.79
C LEU A 500 -2.65 -8.65 -19.33
N LEU A 501 -2.41 -7.52 -18.65
CA LEU A 501 -2.89 -7.38 -17.28
C LEU A 501 -4.42 -7.43 -17.22
N ALA A 502 -5.08 -6.82 -18.19
CA ALA A 502 -6.55 -6.87 -18.24
C ALA A 502 -7.04 -8.29 -18.45
N ALA A 503 -6.39 -9.06 -19.32
CA ALA A 503 -6.78 -10.45 -19.54
C ALA A 503 -6.57 -11.28 -18.29
N ILE A 504 -5.44 -11.08 -17.61
CA ILE A 504 -5.17 -11.79 -16.36
C ILE A 504 -6.23 -11.45 -15.33
N GLN A 505 -6.61 -10.18 -15.25
CA GLN A 505 -7.62 -9.77 -14.29
C GLN A 505 -8.99 -10.37 -14.62
N GLY A 506 -9.32 -10.49 -15.90
CA GLY A 506 -10.58 -11.13 -16.27
C GLY A 506 -10.61 -12.60 -15.90
N ALA A 507 -9.52 -13.32 -16.18
CA ALA A 507 -9.44 -14.73 -15.78
C ALA A 507 -9.51 -14.86 -14.27
N THR A 508 -8.86 -13.95 -13.54
CA THR A 508 -8.94 -13.95 -12.09
C THR A 508 -10.35 -13.66 -11.61
N LEU A 509 -11.06 -12.77 -12.29
CA LEU A 509 -12.45 -12.50 -11.94
C LEU A 509 -13.30 -13.76 -12.06
N LEU A 510 -13.15 -14.48 -13.16
CA LEU A 510 -13.94 -15.70 -13.35
C LEU A 510 -13.59 -16.75 -12.30
N LEU A 511 -12.29 -16.98 -12.07
CA LEU A 511 -11.87 -17.97 -11.09
C LEU A 511 -12.34 -17.58 -9.69
N PHE A 512 -12.25 -16.30 -9.34
CA PHE A 512 -12.67 -15.85 -8.02
C PHE A 512 -14.17 -15.95 -7.86
N LEU A 513 -14.94 -15.70 -8.92
CA LEU A 513 -16.38 -15.91 -8.84
C LEU A 513 -16.71 -17.36 -8.55
N ILE A 514 -16.04 -18.29 -9.24
CA ILE A 514 -16.28 -19.71 -8.99
C ILE A 514 -15.89 -20.07 -7.56
N ILE A 515 -14.73 -19.60 -7.10
CA ILE A 515 -14.26 -19.92 -5.76
C ILE A 515 -15.19 -19.34 -4.71
N SER A 516 -15.65 -18.11 -4.90
CA SER A 516 -16.56 -17.49 -3.95
C SER A 516 -17.90 -18.22 -3.88
N VAL A 517 -18.42 -18.66 -5.03
CA VAL A 517 -19.67 -19.42 -5.02
C VAL A 517 -19.48 -20.74 -4.28
N LYS A 518 -18.36 -21.44 -4.53
CA LYS A 518 -18.12 -22.69 -3.84
C LYS A 518 -17.94 -22.50 -2.34
N TYR A 519 -17.27 -21.41 -1.95
CA TYR A 519 -17.01 -21.14 -0.54
C TYR A 519 -18.32 -20.88 0.22
N ASP A 520 -19.21 -20.10 -0.38
CA ASP A 520 -20.49 -19.78 0.27
C ASP A 520 -21.43 -20.97 0.25
C1 NAG B . 15.63 16.64 -25.75
C2 NAG B . 15.95 17.96 -26.43
C3 NAG B . 16.92 17.78 -27.58
C4 NAG B . 18.18 17.15 -27.03
C5 NAG B . 17.82 15.84 -26.34
C6 NAG B . 19.07 15.20 -25.76
C7 NAG B . 14.27 19.63 -26.25
C8 NAG B . 13.00 20.22 -26.79
N2 NAG B . 14.74 18.57 -26.90
O3 NAG B . 17.25 19.05 -28.16
O4 NAG B . 19.15 16.94 -28.06
O5 NAG B . 16.87 16.09 -25.31
O6 NAG B . 19.72 16.15 -24.90
O7 NAG B . 14.85 20.09 -25.29
#